data_5AHG
#
_entry.id   5AHG
#
_cell.length_a   70.222
_cell.length_b   71.263
_cell.length_c   72.216
_cell.angle_alpha   90.00
_cell.angle_beta   100.48
_cell.angle_gamma   90.00
#
_symmetry.space_group_name_H-M   'C 1 2 1'
#
loop_
_entity.id
_entity.type
_entity.pdbx_description
1 polymer 'THROMBIN HEAVY CHAIN'
2 polymer 'HIRUDIN VARIANT-2'
3 polymer 'THROMBIN LIGHT CHAIN'
4 non-polymer 'SODIUM ION'
5 non-polymer 'DIMETHYL SULFOXIDE'
6 non-polymer 'PHOSPHATE ION'
7 non-polymer GLYCEROL
8 non-polymer ((4-Chlorophenyl)sulfamoyl))dimethylamine
9 non-polymer 2-acetamido-2-deoxy-beta-D-glucopyranose
10 water water
#
loop_
_entity_poly.entity_id
_entity_poly.type
_entity_poly.pdbx_seq_one_letter_code
_entity_poly.pdbx_strand_id
1 'polypeptide(L)'
;IVEGSDAEIGMSPWQVMLFRKSPQELLCGASLISDRWVLTAAHCLLYPPWDKNFTENDLLVRIGKHSRTRYERNIEKISM
LEKIYIHPRYNWRENLDRDIALMKLKKPVAFSDYIHPVCLPDRETAASLLQAGYKGRVTGWGNLKETWTANVGKGQPSVL
QVVNLPIVERPVCKDSTRIRITDNMFCAGYKPDEGKRGDACEGDSGGPFVMKSPFNNRWYQMGIVSWGEGCDRDGKYGFY
THVFRLKKWIQKVIDQFG
;
H
2 'polypeptide(L)' GDFEEIPEE(TYS)LQ I
3 'polypeptide(L)' EADCGLRPLFEKKSLEDKTERELLESYID L
#
# COMPACT_ATOMS: atom_id res chain seq x y z
N ILE A 1 4.93 7.82 -6.77
CA ILE A 1 4.07 8.84 -6.16
C ILE A 1 4.37 10.18 -6.81
N VAL A 2 3.32 10.85 -7.29
CA VAL A 2 3.43 12.16 -7.91
C VAL A 2 3.13 13.22 -6.85
N GLU A 3 3.97 14.24 -6.77
CA GLU A 3 3.76 15.40 -5.91
C GLU A 3 3.71 15.03 -4.43
N GLY A 4 4.49 14.01 -4.08
CA GLY A 4 4.70 13.65 -2.70
C GLY A 4 6.01 14.20 -2.18
N SER A 5 6.47 13.64 -1.07
CA SER A 5 7.75 14.03 -0.50
C SER A 5 8.48 12.78 -0.01
N ASP A 6 9.74 12.94 0.32
CA ASP A 6 10.50 11.83 0.86
C ASP A 6 9.92 11.44 2.21
N ALA A 7 9.77 10.14 2.41
CA ALA A 7 9.37 9.62 3.71
C ALA A 7 10.44 9.91 4.74
N GLU A 8 10.03 10.08 5.99
CA GLU A 8 10.96 10.04 7.10
C GLU A 8 11.39 8.60 7.34
N ILE A 9 12.53 8.45 7.99
CA ILE A 9 12.96 7.12 8.40
C ILE A 9 11.95 6.50 9.36
N GLY A 10 11.55 5.27 9.09
CA GLY A 10 10.61 4.57 9.94
C GLY A 10 9.19 5.07 9.87
N MET A 11 8.89 5.91 8.89
CA MET A 11 7.55 6.51 8.79
C MET A 11 6.48 5.52 8.39
N SER A 12 6.86 4.53 7.61
CA SER A 12 5.94 3.56 7.05
CA SER A 12 5.93 3.53 7.07
C SER A 12 6.56 2.16 7.20
N PRO A 13 6.69 1.68 8.45
CA PRO A 13 7.50 0.48 8.68
C PRO A 13 6.83 -0.79 8.24
N TRP A 14 5.58 -0.68 7.82
CA TRP A 14 4.83 -1.76 7.19
C TRP A 14 5.00 -1.80 5.67
N GLN A 15 5.76 -0.86 5.12
N GLN A 15 5.70 -0.83 5.08
CA GLN A 15 5.97 -0.83 3.69
CA GLN A 15 5.82 -0.79 3.63
C GLN A 15 6.68 -2.09 3.24
C GLN A 15 6.69 -1.94 3.15
N VAL A 16 6.24 -2.64 2.13
CA VAL A 16 6.95 -3.76 1.54
C VAL A 16 7.15 -3.51 0.07
N MET A 17 8.31 -3.91 -0.43
CA MET A 17 8.57 -3.86 -1.87
C MET A 17 8.45 -5.27 -2.43
N LEU A 18 7.62 -5.42 -3.46
CA LEU A 18 7.53 -6.67 -4.21
C LEU A 18 8.57 -6.58 -5.31
N PHE A 19 9.49 -7.55 -5.31
CA PHE A 19 10.69 -7.48 -6.13
C PHE A 19 10.79 -8.72 -7.00
N ARG A 20 10.97 -8.50 -8.30
CA ARG A 20 11.14 -9.61 -9.23
CA ARG A 20 11.14 -9.60 -9.22
C ARG A 20 12.57 -10.12 -9.10
N LYS A 21 12.73 -11.44 -9.05
CA LYS A 21 14.07 -12.01 -8.90
C LYS A 21 14.92 -11.85 -10.14
N SER A 22 14.31 -12.04 -11.31
CA SER A 22 15.07 -12.03 -12.56
C SER A 22 14.18 -11.65 -13.72
N PRO A 23 14.43 -10.49 -14.35
CA PRO A 23 15.40 -9.45 -13.99
C PRO A 23 15.05 -8.84 -12.64
N GLN A 24 16.06 -8.36 -11.93
CA GLN A 24 15.84 -7.76 -10.64
C GLN A 24 15.17 -6.38 -10.80
N GLU A 25 13.92 -6.26 -10.38
CA GLU A 25 13.21 -5.01 -10.56
C GLU A 25 12.03 -4.83 -9.61
N LEU A 26 11.62 -3.58 -9.40
CA LEU A 26 10.45 -3.27 -8.58
C LEU A 26 9.22 -3.67 -9.34
N LEU A 27 8.37 -4.47 -8.71
CA LEU A 27 7.08 -4.81 -9.31
C LEU A 27 5.93 -3.98 -8.74
N CYS A 28 5.91 -3.82 -7.44
CA CYS A 28 4.73 -3.28 -6.78
C CYS A 28 5.09 -2.96 -5.36
N GLY A 29 4.21 -2.23 -4.71
CA GLY A 29 4.19 -2.11 -3.27
C GLY A 29 3.38 -3.22 -2.65
N ALA A 30 3.40 -3.24 -1.33
CA ALA A 30 2.73 -4.24 -0.50
C ALA A 30 2.85 -3.75 0.93
N SER A 31 2.24 -4.46 1.87
CA SER A 31 2.29 -4.07 3.26
C SER A 31 2.37 -5.26 4.18
N LEU A 32 3.01 -5.03 5.32
CA LEU A 32 3.19 -6.06 6.33
C LEU A 32 2.05 -6.01 7.32
N ILE A 33 1.32 -7.11 7.44
CA ILE A 33 0.19 -7.17 8.35
C ILE A 33 0.40 -8.10 9.54
N SER A 34 1.47 -8.89 9.50
CA SER A 34 1.90 -9.69 10.66
C SER A 34 3.32 -10.14 10.37
N ASP A 35 3.91 -10.97 11.23
CA ASP A 35 5.28 -11.39 10.97
C ASP A 35 5.42 -12.35 9.80
N ARG A 36 4.30 -12.85 9.28
CA ARG A 36 4.36 -13.84 8.22
C ARG A 36 3.46 -13.55 7.01
N TRP A 37 2.74 -12.43 7.05
CA TRP A 37 1.76 -12.14 6.01
C TRP A 37 1.91 -10.74 5.45
N VAL A 38 1.88 -10.69 4.12
CA VAL A 38 2.01 -9.47 3.35
C VAL A 38 0.78 -9.32 2.45
N LEU A 39 0.24 -8.12 2.43
CA LEU A 39 -0.95 -7.78 1.66
C LEU A 39 -0.56 -6.98 0.44
N THR A 40 -1.15 -7.27 -0.72
CA THR A 40 -0.86 -6.50 -1.92
C THR A 40 -2.11 -6.54 -2.80
N ALA A 41 -1.99 -5.96 -3.99
CA ALA A 41 -3.04 -6.03 -5.00
C ALA A 41 -2.91 -7.32 -5.80
N ALA A 42 -4.05 -7.95 -6.09
CA ALA A 42 -4.04 -9.15 -6.94
C ALA A 42 -3.37 -8.89 -8.28
N HIS A 43 -3.58 -7.69 -8.86
CA HIS A 43 -3.06 -7.44 -10.20
C HIS A 43 -1.54 -7.37 -10.23
N CYS A 44 -0.90 -7.23 -9.07
CA CYS A 44 0.55 -7.25 -8.97
C CYS A 44 1.07 -8.65 -9.22
N LEU A 45 0.21 -9.65 -9.02
CA LEU A 45 0.60 -11.05 -9.15
C LEU A 45 -0.03 -11.75 -10.34
N LEU A 46 -1.25 -11.33 -10.69
CA LEU A 46 -2.03 -11.97 -11.73
C LEU A 46 -2.72 -10.95 -12.58
N TYR A 47 -2.34 -10.87 -13.83
CA TYR A 47 -2.99 -9.98 -14.78
C TYR A 47 -2.82 -10.57 -16.18
N PRO A 48 -3.70 -11.50 -16.57
CA PRO A 48 -3.56 -12.21 -17.86
C PRO A 48 -3.52 -11.32 -19.09
N PRO A 49 -4.19 -10.17 -19.10
CA PRO A 49 -4.07 -9.35 -20.31
C PRO A 49 -2.64 -8.96 -20.64
N TRP A 50 -1.77 -8.91 -19.62
CA TRP A 50 -0.35 -8.56 -19.79
C TRP A 50 0.53 -9.77 -19.59
N ASP A 51 -0.04 -10.96 -19.70
CA ASP A 51 0.70 -12.20 -19.55
C ASP A 51 1.43 -12.30 -18.21
N LYS A 52 0.81 -11.75 -17.17
CA LYS A 52 1.40 -11.77 -15.84
C LYS A 52 0.72 -12.82 -14.99
N ASN A 53 1.49 -13.77 -14.50
CA ASN A 53 0.98 -14.76 -13.59
C ASN A 53 2.13 -15.30 -12.82
N PHE A 54 2.55 -14.57 -11.80
CA PHE A 54 3.73 -14.96 -11.06
C PHE A 54 3.51 -16.17 -10.16
N THR A 55 4.56 -16.96 -10.01
CA THR A 55 4.57 -18.01 -9.01
C THR A 55 5.43 -17.54 -7.85
N GLU A 56 5.32 -18.21 -6.72
CA GLU A 56 6.08 -17.84 -5.53
C GLU A 56 7.57 -17.68 -5.78
N ASN A 57 8.15 -18.56 -6.59
CA ASN A 57 9.59 -18.55 -6.75
C ASN A 57 10.11 -17.45 -7.64
N ASP A 58 9.20 -16.75 -8.30
CA ASP A 58 9.56 -15.65 -9.17
C ASP A 58 9.89 -14.40 -8.39
N LEU A 59 9.49 -14.36 -7.11
CA LEU A 59 9.38 -13.10 -6.38
C LEU A 59 10.11 -13.11 -5.06
N LEU A 60 10.47 -11.92 -4.60
CA LEU A 60 10.88 -11.71 -3.22
C LEU A 60 10.11 -10.53 -2.65
N VAL A 61 10.06 -10.44 -1.33
CA VAL A 61 9.63 -9.20 -0.73
C VAL A 61 10.76 -8.61 0.09
N ARG A 62 10.85 -7.29 0.03
CA ARG A 62 11.91 -6.57 0.73
C ARG A 62 11.22 -5.63 1.71
N ILE A 63 11.57 -5.79 2.98
CA ILE A 63 10.83 -5.20 4.09
C ILE A 63 11.81 -4.32 4.86
N GLY A 64 11.36 -3.18 5.37
CA GLY A 64 12.23 -2.28 6.08
C GLY A 64 12.95 -1.26 5.23
N LYS A 65 12.57 -1.12 3.96
CA LYS A 65 13.34 -0.28 3.06
C LYS A 65 12.99 1.19 3.12
N HIS A 66 13.96 2.00 2.67
CA HIS A 66 13.79 3.41 2.48
C HIS A 66 14.28 3.76 1.09
N SER A 67 15.55 3.53 0.83
CA SER A 67 16.08 3.69 -0.52
C SER A 67 15.39 2.76 -1.49
N ARG A 68 15.08 3.27 -2.68
CA ARG A 68 14.47 2.46 -3.73
C ARG A 68 15.45 1.40 -4.22
N THR A 69 16.66 1.81 -4.61
CA THR A 69 17.51 0.91 -5.39
C THR A 69 18.63 0.25 -4.60
N ARG A 70 18.92 0.79 -3.42
N ARG A 70 18.98 0.78 -3.46
CA ARG A 70 20.05 0.32 -2.62
CA ARG A 70 20.17 0.28 -2.80
C ARG A 70 19.72 -0.98 -1.92
C ARG A 70 19.80 -0.87 -1.86
N TYR A 71 20.72 -1.82 -1.72
CA TYR A 71 20.60 -2.91 -0.78
C TYR A 71 20.92 -2.34 0.62
N GLU A 72 19.91 -2.24 1.48
CA GLU A 72 20.08 -1.53 2.74
C GLU A 72 20.51 -2.50 3.83
N ARG A 73 21.81 -2.80 3.75
CA ARG A 73 22.44 -3.74 4.63
C ARG A 73 22.19 -3.40 6.10
N ASN A 74 21.85 -4.43 6.86
CA ASN A 74 21.57 -4.36 8.29
C ASN A 74 20.26 -3.67 8.66
N ILE A 75 19.47 -3.33 7.64
CA ILE A 75 18.20 -2.63 7.84
C ILE A 75 17.06 -3.41 7.18
N GLU A 76 17.11 -3.53 5.86
CA GLU A 76 16.05 -4.27 5.19
C GLU A 76 16.21 -5.74 5.43
N LYS A 77 15.10 -6.44 5.28
CA LYS A 77 15.09 -7.88 5.32
C LYS A 77 14.38 -8.37 4.10
N ILE A 78 14.93 -9.41 3.50
CA ILE A 78 14.41 -9.98 2.27
C ILE A 78 13.85 -11.37 2.58
N SER A 79 12.61 -11.57 2.20
CA SER A 79 11.87 -12.79 2.50
C SER A 79 11.43 -13.48 1.21
N MET A 80 11.49 -14.80 1.25
CA MET A 80 10.94 -15.63 0.19
C MET A 80 9.48 -15.92 0.48
N LEU A 81 8.73 -16.23 -0.58
CA LEU A 81 7.32 -16.51 -0.44
C LEU A 81 7.05 -18.00 -0.31
N GLU A 82 6.25 -18.36 0.69
CA GLU A 82 5.74 -19.71 0.79
C GLU A 82 4.55 -19.92 -0.13
N LYS A 83 3.63 -18.97 -0.16
CA LYS A 83 2.40 -19.17 -0.92
C LYS A 83 1.72 -17.84 -1.22
N ILE A 84 1.18 -17.74 -2.42
CA ILE A 84 0.34 -16.65 -2.84
C ILE A 84 -1.12 -17.07 -2.79
N TYR A 85 -1.97 -16.17 -2.31
CA TYR A 85 -3.43 -16.36 -2.29
C TYR A 85 -4.07 -15.16 -2.94
N ILE A 86 -4.75 -15.40 -4.05
CA ILE A 86 -5.47 -14.36 -4.75
C ILE A 86 -6.95 -14.47 -4.41
N HIS A 87 -7.63 -13.35 -4.24
CA HIS A 87 -9.07 -13.43 -4.01
C HIS A 87 -9.75 -14.23 -5.13
N PRO A 88 -10.60 -15.19 -4.78
CA PRO A 88 -11.16 -16.07 -5.81
C PRO A 88 -12.13 -15.36 -6.75
N ARG A 89 -12.59 -14.17 -6.39
CA ARG A 89 -13.49 -13.38 -7.24
C ARG A 89 -12.81 -12.10 -7.71
N TYR A 90 -11.47 -12.05 -7.64
CA TYR A 90 -10.73 -10.97 -8.30
C TYR A 90 -11.10 -10.90 -9.78
N ASN A 91 -11.55 -9.74 -10.20
CA ASN A 91 -12.02 -9.56 -11.58
C ASN A 91 -10.98 -8.87 -12.44
N TRP A 92 -10.07 -9.67 -12.99
CA TRP A 92 -9.04 -9.14 -13.87
C TRP A 92 -9.59 -8.92 -15.28
N ARG A 93 -10.74 -9.50 -15.57
CA ARG A 93 -11.32 -9.39 -16.90
CA ARG A 93 -11.31 -9.39 -16.90
C ARG A 93 -11.85 -8.01 -17.18
N GLU A 94 -12.41 -7.36 -16.16
CA GLU A 94 -13.14 -6.12 -16.38
C GLU A 94 -12.56 -4.90 -15.69
N ASN A 95 -12.69 -4.83 -14.37
CA ASN A 95 -12.45 -3.58 -13.66
C ASN A 95 -11.58 -3.72 -12.42
N LEU A 96 -10.91 -4.86 -12.25
CA LEU A 96 -10.08 -5.11 -11.09
C LEU A 96 -10.90 -5.13 -9.80
N ASP A 97 -12.17 -5.50 -9.86
CA ASP A 97 -12.94 -5.70 -8.63
C ASP A 97 -12.27 -6.72 -7.73
N ARG A 98 -12.24 -6.41 -6.45
CA ARG A 98 -11.64 -7.30 -5.44
C ARG A 98 -10.16 -7.51 -5.68
N ASP A 99 -9.46 -6.39 -5.86
CA ASP A 99 -8.05 -6.40 -6.24
C ASP A 99 -7.19 -6.57 -4.98
N ILE A 100 -7.09 -7.83 -4.52
CA ILE A 100 -6.43 -8.10 -3.24
C ILE A 100 -5.80 -9.49 -3.29
N ALA A 101 -4.64 -9.59 -2.65
CA ALA A 101 -3.92 -10.84 -2.55
C ALA A 101 -3.10 -10.83 -1.28
N LEU A 102 -2.84 -12.02 -0.79
CA LEU A 102 -1.99 -12.23 0.37
C LEU A 102 -0.81 -13.08 -0.04
N MET A 103 0.32 -12.82 0.62
CA MET A 103 1.52 -13.62 0.44
C MET A 103 1.96 -14.05 1.83
N LYS A 104 2.10 -15.36 2.01
CA LYS A 104 2.66 -15.92 3.22
C LYS A 104 4.16 -16.09 3.04
N LEU A 105 4.91 -15.59 3.99
CA LEU A 105 6.36 -15.66 3.94
C LEU A 105 6.84 -17.01 4.38
N LYS A 106 7.97 -17.40 3.80
C LYS A 106 8.78 -18.80 5.86
N LYS A 107 9.39 -17.70 6.29
CA LYS A 107 9.82 -17.57 7.67
C LYS A 107 9.35 -16.23 8.21
N PRO A 108 9.09 -16.14 9.52
CA PRO A 108 8.68 -14.84 10.03
C PRO A 108 9.80 -13.80 9.88
N VAL A 109 9.43 -12.57 9.62
CA VAL A 109 10.40 -11.47 9.62
C VAL A 109 10.52 -10.91 11.02
N ALA A 110 11.72 -10.52 11.39
CA ALA A 110 11.97 -9.92 12.68
C ALA A 110 11.57 -8.46 12.65
N PHE A 111 10.79 -8.05 13.63
CA PHE A 111 10.39 -6.64 13.71
C PHE A 111 11.56 -5.81 14.22
N SER A 112 11.57 -4.52 13.89
CA SER A 112 12.66 -3.63 14.26
C SER A 112 12.13 -2.21 14.21
N ASP A 113 13.00 -1.22 14.36
CA ASP A 113 12.58 0.16 14.21
C ASP A 113 12.00 0.43 12.83
N TYR A 114 12.40 -0.38 11.86
CA TYR A 114 12.09 -0.16 10.44
C TYR A 114 11.03 -1.10 9.88
N ILE A 115 10.65 -2.09 10.67
CA ILE A 115 9.78 -3.19 10.24
C ILE A 115 8.74 -3.42 11.34
N HIS A 116 7.49 -3.15 11.00
CA HIS A 116 6.42 -3.26 11.98
C HIS A 116 5.11 -3.33 11.23
N PRO A 117 4.16 -4.18 11.67
CA PRO A 117 2.90 -4.33 10.92
C PRO A 117 1.93 -3.19 11.12
N VAL A 118 1.13 -2.97 10.08
CA VAL A 118 0.00 -2.07 10.12
C VAL A 118 -1.24 -2.81 10.62
N CYS A 119 -2.20 -2.10 11.19
CA CYS A 119 -3.47 -2.74 11.55
C CYS A 119 -4.40 -2.83 10.37
N LEU A 120 -5.27 -3.83 10.40
CA LEU A 120 -6.39 -3.89 9.48
C LEU A 120 -7.62 -3.36 10.20
N PRO A 121 -8.48 -2.61 9.50
CA PRO A 121 -9.62 -1.98 10.16
C PRO A 121 -10.70 -2.96 10.60
N ASP A 122 -11.30 -2.62 11.72
CA ASP A 122 -12.56 -3.18 12.17
C ASP A 122 -13.67 -2.38 11.50
N ARG A 123 -14.90 -2.89 11.60
CA ARG A 123 -16.05 -2.25 10.95
C ARG A 123 -16.23 -0.82 11.39
N GLU A 124 -16.04 -0.58 12.69
CA GLU A 124 -16.29 0.73 13.26
C GLU A 124 -15.25 1.78 12.84
N THR A 125 -13.99 1.40 12.86
CA THR A 125 -12.95 2.31 12.41
C THR A 125 -13.19 2.60 10.91
N ALA A 126 -13.53 1.60 10.12
CA ALA A 126 -13.82 1.82 8.71
C ALA A 126 -15.00 2.77 8.52
N ALA A 127 -16.09 2.53 9.23
CA ALA A 127 -17.28 3.38 9.09
C ALA A 127 -16.97 4.80 9.48
N SER A 128 -16.17 4.97 10.53
CA SER A 128 -15.85 6.31 11.01
CA SER A 128 -15.84 6.30 11.02
C SER A 128 -14.91 7.08 10.10
N LEU A 129 -13.93 6.40 9.53
CA LEU A 129 -12.88 7.09 8.81
C LEU A 129 -13.04 7.14 7.31
N LEU A 130 -13.80 6.23 6.71
CA LEU A 130 -13.94 6.21 5.25
C LEU A 130 -15.03 7.16 4.84
N GLN A 131 -14.74 8.45 4.94
CA GLN A 131 -15.67 9.51 4.67
C GLN A 131 -15.03 10.47 3.69
N ALA A 132 -15.82 11.02 2.79
CA ALA A 132 -15.31 12.00 1.85
C ALA A 132 -14.69 13.16 2.59
N GLY A 133 -13.50 13.57 2.13
CA GLY A 133 -12.76 14.66 2.71
C GLY A 133 -11.71 14.20 3.73
N TYR A 134 -11.92 13.04 4.33
CA TYR A 134 -10.95 12.52 5.30
C TYR A 134 -9.74 12.04 4.51
N LYS A 135 -8.55 12.36 5.01
CA LYS A 135 -7.33 12.04 4.29
C LYS A 135 -6.68 10.78 4.76
N GLY A 136 -6.14 10.04 3.81
CA GLY A 136 -5.24 8.95 4.08
C GLY A 136 -3.89 9.23 3.45
N ARG A 137 -3.01 8.27 3.60
CA ARG A 137 -1.63 8.41 3.20
C ARG A 137 -1.24 7.25 2.33
N VAL A 138 -0.63 7.57 1.21
CA VAL A 138 -0.17 6.60 0.24
C VAL A 138 1.35 6.70 0.14
N THR A 139 2.00 5.55 0.09
CA THR A 139 3.46 5.48 0.07
C THR A 139 3.90 4.53 -1.02
N GLY A 140 5.07 4.82 -1.60
CA GLY A 140 5.63 3.89 -2.55
C GLY A 140 6.85 4.41 -3.25
N TRP A 141 7.43 3.53 -4.06
CA TRP A 141 8.64 3.81 -4.81
C TRP A 141 8.34 3.96 -6.31
N GLY A 142 7.08 4.15 -6.66
CA GLY A 142 6.70 4.29 -8.04
C GLY A 142 7.13 5.61 -8.66
N ASN A 143 6.82 5.77 -9.93
CA ASN A 143 7.33 6.90 -10.66
C ASN A 143 6.78 8.22 -10.12
N LEU A 144 7.58 9.27 -10.34
CA LEU A 144 7.28 10.60 -9.85
C LEU A 144 6.37 11.39 -10.78
N LYS A 145 6.17 10.92 -12.00
CA LYS A 145 5.27 11.58 -12.92
C LYS A 145 4.79 10.56 -13.95
N GLU A 146 3.67 10.86 -14.58
CA GLU A 146 3.09 9.97 -15.57
C GLU A 146 4.03 9.82 -16.76
N THR A 147 4.65 10.93 -17.17
CA THR A 147 5.54 10.98 -18.32
C THR A 147 6.89 11.55 -17.91
N GLY A 155 12.31 11.20 -12.73
CA GLY A 155 11.32 10.19 -13.07
C GLY A 155 11.07 9.17 -11.98
N GLN A 156 12.13 8.71 -11.32
CA GLN A 156 12.01 7.69 -10.29
C GLN A 156 12.69 8.17 -9.03
N PRO A 157 12.13 7.84 -7.86
CA PRO A 157 12.66 8.41 -6.63
C PRO A 157 13.89 7.70 -6.06
N SER A 158 14.72 8.47 -5.36
CA SER A 158 15.79 7.88 -4.59
C SER A 158 15.28 7.11 -3.39
N VAL A 159 14.27 7.65 -2.70
CA VAL A 159 13.76 7.02 -1.49
C VAL A 159 12.24 6.96 -1.54
N LEU A 160 11.69 6.20 -0.60
CA LEU A 160 10.25 6.06 -0.45
C LEU A 160 9.56 7.42 -0.43
N GLN A 161 8.46 7.53 -1.18
CA GLN A 161 7.69 8.75 -1.25
C GLN A 161 6.36 8.58 -0.52
N VAL A 162 5.85 9.70 -0.05
CA VAL A 162 4.63 9.77 0.73
C VAL A 162 3.77 10.91 0.25
N VAL A 163 2.47 10.68 0.17
CA VAL A 163 1.54 11.76 -0.10
C VAL A 163 0.25 11.48 0.65
N ASN A 164 -0.35 12.53 1.17
CA ASN A 164 -1.64 12.45 1.84
C ASN A 164 -2.72 12.94 0.90
N LEU A 165 -3.81 12.20 0.80
CA LEU A 165 -4.86 12.47 -0.18
C LEU A 165 -6.24 12.27 0.44
N PRO A 166 -7.19 13.13 0.10
CA PRO A 166 -8.55 13.00 0.63
C PRO A 166 -9.37 11.96 -0.10
N ILE A 167 -10.16 11.21 0.65
CA ILE A 167 -11.19 10.34 0.08
C ILE A 167 -12.20 11.20 -0.64
N VAL A 168 -12.68 10.70 -1.76
CA VAL A 168 -13.61 11.46 -2.61
C VAL A 168 -15.01 10.83 -2.57
N GLU A 169 -16.01 11.69 -2.63
CA GLU A 169 -17.39 11.29 -2.71
C GLU A 169 -17.62 10.27 -3.84
N ARG A 170 -18.39 9.24 -3.54
CA ARG A 170 -18.56 8.18 -4.52
C ARG A 170 -19.11 8.65 -5.87
N PRO A 171 -20.09 9.58 -5.90
CA PRO A 171 -20.56 10.01 -7.22
C PRO A 171 -19.47 10.70 -8.04
N VAL A 172 -18.60 11.45 -7.38
CA VAL A 172 -17.51 12.11 -8.08
C VAL A 172 -16.53 11.05 -8.61
N CYS A 173 -16.22 10.04 -7.81
CA CYS A 173 -15.38 8.95 -8.29
C CYS A 173 -16.01 8.35 -9.55
N LYS A 174 -17.28 8.01 -9.46
CA LYS A 174 -17.93 7.35 -10.58
C LYS A 174 -17.96 8.23 -11.83
N ASP A 175 -18.20 9.52 -11.64
CA ASP A 175 -18.35 10.45 -12.74
C ASP A 175 -17.03 10.84 -13.40
N SER A 176 -15.90 10.39 -12.84
CA SER A 176 -14.58 10.71 -13.34
C SER A 176 -14.08 9.71 -14.37
N THR A 177 -14.80 8.61 -14.57
CA THR A 177 -14.30 7.47 -15.31
C THR A 177 -15.44 6.76 -16.03
N ARG A 178 -15.07 6.01 -17.06
CA ARG A 178 -16.01 5.11 -17.73
C ARG A 178 -16.01 3.72 -17.14
N ILE A 179 -15.03 3.41 -16.29
CA ILE A 179 -14.96 2.12 -15.65
C ILE A 179 -16.07 1.97 -14.63
N ARG A 180 -16.60 0.75 -14.53
CA ARG A 180 -17.62 0.45 -13.55
C ARG A 180 -17.00 0.35 -12.15
N ILE A 181 -17.42 1.22 -11.25
CA ILE A 181 -16.88 1.28 -9.90
C ILE A 181 -17.74 0.42 -8.99
N THR A 182 -17.15 -0.37 -8.13
CA THR A 182 -17.89 -1.23 -7.22
C THR A 182 -17.70 -0.81 -5.78
N ASP A 183 -18.49 -1.42 -4.91
CA ASP A 183 -18.41 -1.19 -3.48
C ASP A 183 -17.09 -1.65 -2.90
N ASN A 184 -16.34 -2.46 -3.65
CA ASN A 184 -15.03 -2.91 -3.19
C ASN A 184 -13.90 -1.96 -3.55
N MET A 185 -14.26 -0.76 -4.00
CA MET A 185 -13.30 0.28 -4.36
C MET A 185 -13.69 1.56 -3.68
N PHE A 186 -12.71 2.40 -3.41
CA PHE A 186 -12.98 3.81 -3.14
C PHE A 186 -11.96 4.63 -3.91
N CYS A 187 -12.19 5.92 -4.06
CA CYS A 187 -11.21 6.75 -4.75
C CYS A 187 -10.78 7.90 -3.88
N ALA A 188 -9.60 8.43 -4.19
CA ALA A 188 -9.01 9.49 -3.41
C ALA A 188 -8.15 10.36 -4.31
N GLY A 189 -7.99 11.61 -3.88
CA GLY A 189 -7.24 12.60 -4.61
C GLY A 189 -7.92 13.95 -4.52
N TYR A 190 -7.17 15.00 -4.86
CA TYR A 190 -7.73 16.32 -4.86
C TYR A 190 -8.51 16.58 -6.14
N LYS A 191 -9.50 17.45 -6.04
N LYS A 191 -9.48 17.46 -6.04
CA LYS A 191 -10.25 17.90 -7.20
CA LYS A 191 -10.23 17.90 -7.20
C LYS A 191 -9.47 19.02 -7.89
C LYS A 191 -9.47 19.02 -7.88
N PRO A 192 -9.74 19.25 -9.19
CA PRO A 192 -9.02 20.33 -9.91
C PRO A 192 -9.08 21.68 -9.20
N ASP A 193 -10.21 22.00 -8.58
CA ASP A 193 -10.41 23.29 -7.92
C ASP A 193 -9.74 23.37 -6.54
N GLU A 194 -9.25 22.24 -6.03
CA GLU A 194 -8.70 22.22 -4.69
C GLU A 194 -7.23 22.66 -4.67
N GLY A 195 -6.61 22.78 -5.86
CA GLY A 195 -5.25 23.30 -5.94
C GLY A 195 -4.16 22.26 -5.68
N LYS A 196 -4.17 21.65 -4.49
CA LYS A 196 -3.17 20.65 -4.13
C LYS A 196 -3.32 19.48 -5.08
N ARG A 197 -2.25 18.70 -5.19
CA ARG A 197 -2.18 17.61 -6.16
C ARG A 197 -1.61 16.37 -5.51
N GLY A 198 -1.45 15.30 -6.27
CA GLY A 198 -0.79 14.11 -5.77
C GLY A 198 -1.55 12.88 -6.18
N ASP A 199 -0.81 11.80 -6.38
CA ASP A 199 -1.39 10.52 -6.80
C ASP A 199 -0.35 9.44 -6.71
N ALA A 200 -0.80 8.20 -6.71
CA ALA A 200 0.04 7.07 -6.99
C ALA A 200 0.41 7.09 -8.43
N CYS A 201 1.45 6.32 -8.76
CA CYS A 201 1.83 6.17 -10.15
C CYS A 201 2.51 4.83 -10.36
N GLU A 202 3.04 4.58 -11.54
CA GLU A 202 3.53 3.25 -11.90
C GLU A 202 4.59 2.74 -10.94
N GLY A 203 4.33 1.59 -10.34
CA GLY A 203 5.19 0.99 -9.34
C GLY A 203 4.68 1.13 -7.90
N ASP A 204 3.69 1.98 -7.69
CA ASP A 204 3.07 2.15 -6.39
C ASP A 204 1.96 1.16 -6.11
N SER A 205 1.38 0.58 -7.15
CA SER A 205 0.22 -0.26 -6.94
C SER A 205 0.57 -1.44 -6.05
N GLY A 206 -0.42 -1.88 -5.29
CA GLY A 206 -0.23 -2.90 -4.29
C GLY A 206 0.13 -2.35 -2.93
N GLY A 207 0.62 -1.12 -2.87
CA GLY A 207 0.99 -0.50 -1.61
C GLY A 207 -0.21 0.02 -0.84
N PRO A 208 0.04 0.51 0.37
CA PRO A 208 -1.06 0.82 1.29
C PRO A 208 -1.55 2.25 1.23
N PHE A 209 -2.86 2.41 1.48
CA PHE A 209 -3.50 3.67 1.81
C PHE A 209 -3.86 3.54 3.27
N VAL A 210 -3.22 4.34 4.13
CA VAL A 210 -3.37 4.21 5.56
C VAL A 210 -3.99 5.46 6.16
N MET A 211 -4.62 5.28 7.31
CA MET A 211 -5.19 6.37 8.07
C MET A 211 -4.83 6.17 9.53
N LYS A 212 -4.60 7.27 10.23
CA LYS A 212 -4.24 7.18 11.64
C LYS A 212 -5.50 7.43 12.44
N SER A 213 -5.96 6.42 13.15
CA SER A 213 -7.19 6.60 13.90
C SER A 213 -7.03 7.65 14.97
N PRO A 214 -7.95 8.61 15.04
CA PRO A 214 -7.86 9.63 16.09
C PRO A 214 -8.39 9.09 17.43
N PHE A 215 -8.99 7.91 17.41
CA PHE A 215 -9.54 7.29 18.61
C PHE A 215 -8.47 6.57 19.40
N ASN A 216 -7.59 5.83 18.73
CA ASN A 216 -6.59 5.01 19.43
C ASN A 216 -5.18 5.24 18.95
N ASN A 217 -4.99 6.20 18.05
CA ASN A 217 -3.71 6.64 17.58
C ASN A 217 -2.87 5.55 16.92
N ARG A 218 -3.56 4.60 16.30
CA ARG A 218 -2.94 3.54 15.52
C ARG A 218 -3.19 3.76 14.03
N TRP A 219 -2.24 3.30 13.24
CA TRP A 219 -2.40 3.29 11.79
C TRP A 219 -3.11 2.04 11.29
N TYR A 220 -4.10 2.30 10.44
CA TYR A 220 -4.92 1.29 9.80
C TYR A 220 -4.79 1.34 8.30
N GLN A 221 -4.70 0.20 7.68
CA GLN A 221 -4.70 0.14 6.22
C GLN A 221 -6.13 0.03 5.70
N MET A 222 -6.62 1.13 5.16
CA MET A 222 -7.96 1.18 4.60
C MET A 222 -8.02 0.78 3.15
N GLY A 223 -6.95 1.00 2.41
CA GLY A 223 -6.97 0.75 0.99
C GLY A 223 -5.70 0.08 0.51
N ILE A 224 -5.77 -0.45 -0.70
CA ILE A 224 -4.61 -0.92 -1.46
C ILE A 224 -4.62 -0.14 -2.76
N VAL A 225 -3.47 0.41 -3.14
CA VAL A 225 -3.36 1.13 -4.41
C VAL A 225 -3.72 0.15 -5.52
N SER A 226 -4.80 0.41 -6.22
CA SER A 226 -5.34 -0.54 -7.20
C SER A 226 -5.18 -0.07 -8.63
N TRP A 227 -5.80 1.05 -9.01
CA TRP A 227 -5.69 1.48 -10.41
C TRP A 227 -6.00 2.93 -10.54
N GLY A 228 -5.57 3.47 -11.68
CA GLY A 228 -5.87 4.83 -12.02
C GLY A 228 -5.81 4.96 -13.53
N GLU A 229 -6.09 6.15 -14.02
CA GLU A 229 -5.98 6.46 -15.42
C GLU A 229 -4.94 7.58 -15.55
N GLY A 230 -3.75 7.20 -15.99
CA GLY A 230 -2.59 8.08 -15.90
C GLY A 230 -2.19 8.28 -14.44
N CYS A 231 -1.50 9.37 -14.18
CA CYS A 231 -1.14 9.71 -12.82
C CYS A 231 -1.32 11.20 -12.62
N ASP A 232 -1.97 11.56 -11.51
CA ASP A 232 -2.15 12.94 -11.09
C ASP A 232 -2.78 13.79 -12.19
N ARG A 233 -3.73 13.23 -12.96
CA ARG A 233 -4.43 14.03 -13.96
C ARG A 233 -5.56 14.80 -13.31
N ASP A 234 -5.77 16.02 -13.78
CA ASP A 234 -6.91 16.79 -13.30
C ASP A 234 -8.20 16.07 -13.62
N GLY A 235 -9.07 15.94 -12.63
CA GLY A 235 -10.37 15.35 -12.85
C GLY A 235 -10.37 13.84 -12.75
N LYS A 236 -9.20 13.24 -12.57
CA LYS A 236 -9.08 11.81 -12.36
C LYS A 236 -8.69 11.59 -10.91
N TYR A 237 -8.93 10.37 -10.44
CA TYR A 237 -8.68 9.98 -9.05
C TYR A 237 -8.01 8.62 -9.03
N GLY A 238 -7.29 8.33 -7.97
CA GLY A 238 -6.80 6.99 -7.79
C GLY A 238 -7.84 6.12 -7.13
N PHE A 239 -7.87 4.86 -7.54
CA PHE A 239 -8.81 3.88 -7.00
C PHE A 239 -8.07 2.87 -6.16
N TYR A 240 -8.70 2.53 -5.05
CA TYR A 240 -8.12 1.76 -3.98
C TYR A 240 -9.05 0.61 -3.61
N THR A 241 -8.48 -0.56 -3.38
CA THR A 241 -9.24 -1.68 -2.86
C THR A 241 -9.71 -1.38 -1.47
N HIS A 242 -10.98 -1.61 -1.22
CA HIS A 242 -11.62 -1.35 0.08
C HIS A 242 -11.30 -2.54 0.98
N VAL A 243 -10.26 -2.38 1.81
CA VAL A 243 -9.76 -3.49 2.60
C VAL A 243 -10.81 -4.06 3.54
N PHE A 244 -11.50 -3.19 4.27
CA PHE A 244 -12.49 -3.67 5.19
C PHE A 244 -13.53 -4.55 4.52
N ARG A 245 -14.00 -4.16 3.34
CA ARG A 245 -15.02 -4.94 2.66
C ARG A 245 -14.57 -6.36 2.31
N LEU A 246 -13.27 -6.56 2.21
CA LEU A 246 -12.71 -7.84 1.84
C LEU A 246 -12.06 -8.54 3.02
N LYS A 247 -12.30 -8.01 4.22
CA LYS A 247 -11.58 -8.51 5.39
C LYS A 247 -12.00 -9.94 5.76
N LYS A 248 -13.24 -10.34 5.47
CA LYS A 248 -13.67 -11.70 5.78
C LYS A 248 -12.85 -12.71 4.99
N TRP A 249 -12.50 -12.36 3.76
CA TRP A 249 -11.64 -13.23 2.97
C TRP A 249 -10.24 -13.28 3.55
N ILE A 250 -9.69 -12.10 3.90
CA ILE A 250 -8.39 -12.07 4.53
C ILE A 250 -8.33 -12.98 5.75
N GLN A 251 -9.33 -12.88 6.60
N GLN A 251 -9.34 -12.87 6.60
CA GLN A 251 -9.35 -13.65 7.83
CA GLN A 251 -9.39 -13.64 7.83
C GLN A 251 -9.47 -15.14 7.52
C GLN A 251 -9.51 -15.13 7.54
N LYS A 252 -10.30 -15.47 6.52
CA LYS A 252 -10.48 -16.87 6.14
C LYS A 252 -9.15 -17.48 5.71
N VAL A 253 -8.38 -16.73 4.91
CA VAL A 253 -7.09 -17.23 4.46
C VAL A 253 -6.12 -17.40 5.62
N ILE A 254 -6.03 -16.38 6.47
CA ILE A 254 -5.07 -16.45 7.56
C ILE A 254 -5.49 -17.55 8.55
N ASP A 255 -6.78 -17.66 8.84
CA ASP A 255 -7.26 -18.70 9.76
C ASP A 255 -6.95 -20.10 9.23
N GLN A 256 -7.08 -20.28 7.92
CA GLN A 256 -6.94 -21.60 7.32
C GLN A 256 -5.48 -22.00 7.11
N PHE A 257 -4.66 -21.02 6.71
CA PHE A 257 -3.32 -21.31 6.22
C PHE A 257 -2.22 -20.72 7.11
N GLY A 258 -2.62 -19.96 8.12
CA GLY A 258 -1.66 -19.28 8.97
C GLY A 258 -1.13 -20.22 10.02
N ASP B 2 19.91 -0.98 -12.58
CA ASP B 2 19.37 0.11 -11.75
C ASP B 2 19.41 -0.21 -10.24
N PHE B 3 19.12 -1.46 -9.91
CA PHE B 3 19.10 -1.87 -8.52
C PHE B 3 20.42 -2.49 -8.10
N GLU B 4 20.85 -2.18 -6.89
CA GLU B 4 22.05 -2.78 -6.35
C GLU B 4 21.79 -4.27 -6.20
N GLU B 5 22.78 -5.08 -6.55
CA GLU B 5 22.65 -6.51 -6.41
C GLU B 5 22.33 -6.86 -4.97
N ILE B 6 21.42 -7.79 -4.76
CA ILE B 6 21.13 -8.25 -3.42
C ILE B 6 21.97 -9.49 -3.15
N PRO B 7 22.18 -9.82 -1.88
CA PRO B 7 22.99 -11.00 -1.55
C PRO B 7 22.47 -12.27 -2.21
N GLU B 8 23.39 -13.05 -2.79
CA GLU B 8 23.08 -14.28 -3.50
C GLU B 8 22.20 -15.25 -2.69
N GLU B 9 22.33 -15.21 -1.37
CA GLU B 9 21.56 -16.11 -0.51
C GLU B 9 20.05 -15.98 -0.74
N LEU B 11 18.64 -15.47 -3.60
CA LEU B 11 18.30 -15.92 -4.95
C LEU B 11 18.49 -17.43 -5.11
N GLN B 12 18.77 -18.14 -4.01
CA GLN B 12 19.05 -19.57 -4.11
C GLN B 12 17.76 -20.38 -4.03
N GLU C 1 -1.87 -8.08 15.12
CA GLU C 1 -1.03 -8.00 16.30
C GLU C 1 -1.54 -6.95 17.27
N ALA C 2 -1.34 -7.25 18.55
CA ALA C 2 -1.72 -6.35 19.62
C ALA C 2 -1.01 -5.01 19.47
N ASP C 3 0.16 -5.02 18.86
CA ASP C 3 0.98 -3.83 18.73
C ASP C 3 0.91 -3.20 17.33
N CYS C 4 -0.08 -3.62 16.54
CA CYS C 4 -0.11 -3.16 15.16
C CYS C 4 -0.29 -1.65 15.09
N GLY C 5 0.29 -1.06 14.06
CA GLY C 5 -0.02 0.31 13.73
C GLY C 5 0.61 1.35 14.63
N LEU C 6 1.53 0.93 15.50
CA LEU C 6 2.28 1.83 16.38
C LEU C 6 3.73 1.78 15.96
N ARG C 7 4.23 2.88 15.43
CA ARG C 7 5.55 2.84 14.83
C ARG C 7 6.63 3.03 15.88
N PRO C 8 7.67 2.17 15.86
CA PRO C 8 8.77 2.33 16.81
C PRO C 8 9.37 3.74 16.85
N LEU C 9 9.53 4.39 15.71
CA LEU C 9 10.21 5.67 15.69
C LEU C 9 9.27 6.86 15.85
N PHE C 10 7.98 6.59 16.00
CA PHE C 10 6.99 7.64 16.13
C PHE C 10 6.10 7.41 17.33
N GLU C 11 4.99 6.70 17.18
CA GLU C 11 4.06 6.53 18.29
C GLU C 11 4.74 5.94 19.51
N LYS C 12 5.62 4.96 19.32
CA LYS C 12 6.23 4.33 20.48
C LYS C 12 7.07 5.24 21.31
N LYS C 13 7.57 6.31 20.71
CA LYS C 13 8.36 7.27 21.47
CA LYS C 13 8.40 7.35 21.33
C LYS C 13 7.68 8.65 21.56
N SER C 14 6.39 8.69 21.26
CA SER C 14 5.62 9.93 21.26
C SER C 14 6.26 11.04 20.41
N LEU C 15 6.72 10.65 19.21
CA LEU C 15 7.15 11.61 18.21
C LEU C 15 6.17 11.56 17.06
N GLU C 16 5.87 12.74 16.55
CA GLU C 16 4.98 12.84 15.41
CA GLU C 16 4.97 12.97 15.45
C GLU C 16 5.74 13.08 14.13
N ASP C 17 5.26 12.48 13.06
CA ASP C 17 5.89 12.68 11.78
C ASP C 17 5.44 14.02 11.19
N LYS C 18 6.07 14.45 10.11
CA LYS C 18 5.91 15.82 9.65
C LYS C 18 4.54 16.17 9.08
N THR C 19 3.76 15.16 8.68
CA THR C 19 2.49 15.46 8.07
C THR C 19 1.30 14.72 8.63
N GLU C 20 1.47 13.96 9.70
CA GLU C 20 0.30 13.26 10.24
C GLU C 20 -0.77 14.21 10.73
N ARG C 21 -0.39 15.40 11.16
CA ARG C 21 -1.36 16.36 11.61
C ARG C 21 -2.35 16.73 10.49
N GLU C 22 -1.90 16.72 9.23
CA GLU C 22 -2.78 17.01 8.11
C GLU C 22 -3.93 15.99 8.09
N LEU C 23 -3.62 14.74 8.36
CA LEU C 23 -4.63 13.70 8.43
C LEU C 23 -5.61 14.01 9.56
N LEU C 24 -5.09 14.26 10.75
CA LEU C 24 -5.95 14.52 11.89
C LEU C 24 -6.88 15.68 11.62
N GLU C 25 -6.36 16.75 11.05
CA GLU C 25 -7.18 17.94 10.78
C GLU C 25 -8.30 17.66 9.79
N SER C 26 -8.18 16.63 8.96
CA SER C 26 -9.24 16.29 8.02
C SER C 26 -10.34 15.47 8.66
N TYR C 27 -10.11 14.94 9.85
CA TYR C 27 -11.07 14.02 10.48
C TYR C 27 -12.04 14.87 11.30
N ILE C 28 -12.98 15.51 10.60
CA ILE C 28 -13.82 16.55 11.16
C ILE C 28 -15.24 16.08 11.43
#